data_3QN9
#
_entry.id   3QN9
#
_cell.length_a   112.589
_cell.length_b   112.589
_cell.length_c   68.818
_cell.angle_alpha   90.00
_cell.angle_beta   90.00
_cell.angle_gamma   120.00
#
_symmetry.space_group_name_H-M   'P 3 2 1'
#
loop_
_entity.id
_entity.type
_entity.pdbx_description
1 polymer '6-pyruvoyl tetrahydrobiopterin synthase'
2 non-polymer 'ZINC ION'
3 water water
#
_entity_poly.entity_id   1
_entity_poly.type   'polypeptide(L)'
_entity_poly.pdbx_seq_one_letter_code
;MGSSHHHHHHSSGLVPRGSHMMSTTLFKDFTFEAAHRLPHVPEGHKCGRLHGHSFMVRLEITGEVDPHTGWIIDFAELKA
AFKPTYERLDHHYLNDIPGLENPTSEVLAKWIWDQVKPVVPLLSAVMVKETCTAGCIYRGE
;
_entity_poly.pdbx_strand_id   A,B
#
loop_
_chem_comp.id
_chem_comp.type
_chem_comp.name
_chem_comp.formula
ZN non-polymer 'ZINC ION' 'Zn 2'
#
# COMPACT_ATOMS: atom_id res chain seq x y z
N MET A 22 -15.62 34.86 4.85
CA MET A 22 -14.81 33.63 5.08
C MET A 22 -15.05 32.55 3.98
N SER A 23 -14.16 31.55 3.86
CA SER A 23 -14.14 30.58 2.70
C SER A 23 -14.37 29.02 2.89
N THR A 24 -14.92 28.38 1.84
CA THR A 24 -15.16 26.91 1.74
C THR A 24 -14.20 26.13 0.83
N THR A 25 -13.55 25.12 1.39
CA THR A 25 -12.78 24.21 0.60
C THR A 25 -13.42 22.80 0.66
N LEU A 26 -13.16 21.99 -0.36
CA LEU A 26 -13.78 20.66 -0.58
C LEU A 26 -12.62 19.74 -0.79
N PHE A 27 -12.78 18.43 -0.60
CA PHE A 27 -11.66 17.46 -0.76
C PHE A 27 -12.02 16.00 -1.01
N LYS A 28 -11.23 15.34 -1.86
CA LYS A 28 -11.60 14.02 -2.33
C LYS A 28 -10.38 13.07 -2.27
N ASP A 29 -10.65 11.86 -1.75
CA ASP A 29 -9.60 10.89 -1.61
C ASP A 29 -9.61 9.79 -2.64
N PHE A 30 -8.48 9.53 -3.28
CA PHE A 30 -8.37 8.33 -4.04
C PHE A 30 -7.21 7.56 -3.46
N THR A 31 -7.25 6.25 -3.67
CA THR A 31 -6.13 5.39 -3.40
C THR A 31 -5.72 4.67 -4.73
N PHE A 32 -4.48 4.21 -4.75
CA PHE A 32 -3.94 3.46 -5.87
C PHE A 32 -2.74 2.62 -5.52
N GLU A 33 -2.43 1.69 -6.43
CA GLU A 33 -1.42 0.68 -6.15
C GLU A 33 -0.28 0.73 -7.15
N ALA A 34 0.91 1.02 -6.67
CA ALA A 34 2.06 0.93 -7.55
C ALA A 34 3.29 0.56 -6.81
N ALA A 35 4.28 0.24 -7.64
CA ALA A 35 5.60 -0.05 -7.19
C ALA A 35 6.53 1.16 -7.58
N HIS A 36 7.54 1.48 -6.77
CA HIS A 36 8.45 2.55 -7.09
C HIS A 36 9.76 2.18 -6.41
N ARG A 37 10.85 2.89 -6.79
CA ARG A 37 12.10 2.84 -6.00
C ARG A 37 12.85 4.16 -6.06
N LEU A 38 13.66 4.41 -5.03
CA LEU A 38 14.36 5.67 -5.01
C LEU A 38 15.76 5.54 -5.61
N PRO A 39 16.03 6.33 -6.68
CA PRO A 39 17.28 6.24 -7.42
C PRO A 39 18.45 6.73 -6.60
N HIS A 40 18.27 7.80 -5.82
CA HIS A 40 19.39 8.49 -5.15
C HIS A 40 19.53 8.30 -3.61
N VAL A 41 19.24 7.11 -3.08
CA VAL A 41 19.46 6.83 -1.64
C VAL A 41 20.82 6.09 -1.44
N PRO A 42 21.50 6.31 -0.27
CA PRO A 42 22.80 5.62 -0.13
C PRO A 42 22.64 4.12 -0.24
N GLU A 43 23.67 3.45 -0.71
CA GLU A 43 23.56 2.11 -1.22
C GLU A 43 22.75 1.09 -0.41
N GLY A 44 22.91 1.04 0.91
CA GLY A 44 22.11 0.05 1.66
C GLY A 44 20.61 0.30 1.63
N HIS A 45 20.23 1.55 1.82
CA HIS A 45 18.87 1.96 2.13
C HIS A 45 17.77 1.02 1.61
N LYS A 46 16.88 0.61 2.51
CA LYS A 46 15.66 -0.16 2.17
C LYS A 46 14.92 0.46 1.02
N CYS A 47 14.99 1.79 0.96
CA CYS A 47 14.11 2.54 0.10
C CYS A 47 14.49 2.44 -1.35
N GLY A 48 15.76 2.12 -1.64
CA GLY A 48 16.22 1.99 -3.03
C GLY A 48 16.12 0.60 -3.66
N ARG A 49 15.79 -0.40 -2.84
CA ARG A 49 15.34 -1.71 -3.31
C ARG A 49 13.96 -1.57 -4.02
N LEU A 50 13.69 -2.36 -5.05
CA LEU A 50 12.33 -2.35 -5.64
C LEU A 50 11.30 -2.77 -4.58
N HIS A 51 10.24 -1.98 -4.46
CA HIS A 51 9.22 -2.23 -3.46
C HIS A 51 7.93 -1.53 -3.98
N GLY A 52 6.92 -1.31 -3.16
CA GLY A 52 5.71 -0.72 -3.67
C GLY A 52 4.93 -0.25 -2.47
N HIS A 53 3.80 0.41 -2.75
CA HIS A 53 2.87 0.92 -1.72
C HIS A 53 1.43 1.03 -2.19
N SER A 54 0.54 1.07 -1.20
CA SER A 54 -0.91 1.44 -1.35
C SER A 54 -1.01 2.94 -1.12
N PHE A 55 -0.70 3.73 -2.14
CA PHE A 55 -0.71 5.19 -1.96
C PHE A 55 -2.14 5.69 -1.80
N MET A 56 -2.26 6.89 -1.25
CA MET A 56 -3.53 7.57 -1.04
C MET A 56 -3.24 8.93 -1.57
N VAL A 57 -4.17 9.51 -2.33
CA VAL A 57 -4.00 10.90 -2.78
C VAL A 57 -5.20 11.75 -2.47
N ARG A 58 -4.98 12.99 -2.10
CA ARG A 58 -6.08 13.84 -1.72
C ARG A 58 -6.01 15.07 -2.56
N LEU A 59 -7.04 15.28 -3.37
CA LEU A 59 -7.13 16.53 -4.07
C LEU A 59 -8.00 17.38 -3.20
N GLU A 60 -7.68 18.66 -3.18
CA GLU A 60 -8.44 19.61 -2.42
C GLU A 60 -8.66 20.80 -3.29
N ILE A 61 -9.89 21.30 -3.33
CA ILE A 61 -10.23 22.49 -4.08
C ILE A 61 -10.87 23.54 -3.23
N THR A 62 -10.64 24.78 -3.63
CA THR A 62 -11.22 25.93 -3.01
C THR A 62 -11.89 26.73 -4.11
N GLY A 63 -13.04 27.30 -3.75
CA GLY A 63 -13.74 28.21 -4.63
C GLY A 63 -15.10 28.51 -4.02
N GLU A 64 -15.94 29.15 -4.83
CA GLU A 64 -17.31 29.54 -4.45
C GLU A 64 -18.32 28.43 -4.66
N VAL A 65 -19.48 28.59 -4.02
CA VAL A 65 -20.50 27.56 -3.91
C VAL A 65 -21.74 27.94 -4.73
N ASP A 66 -21.81 27.52 -6.00
CA ASP A 66 -22.93 27.92 -6.88
C ASP A 66 -24.28 27.90 -6.12
N PRO A 67 -25.02 29.03 -6.10
CA PRO A 67 -26.15 29.03 -5.16
C PRO A 67 -27.28 28.06 -5.58
N HIS A 68 -27.30 27.65 -6.84
CA HIS A 68 -28.28 26.66 -7.31
C HIS A 68 -27.95 25.18 -7.04
N THR A 69 -26.76 24.75 -7.47
CA THR A 69 -26.26 23.40 -7.17
C THR A 69 -25.83 23.17 -5.72
N GLY A 70 -25.48 24.23 -5.00
CA GLY A 70 -24.99 24.09 -3.65
C GLY A 70 -23.65 23.36 -3.61
N TRP A 71 -22.86 23.50 -4.69
CA TRP A 71 -21.62 22.77 -4.90
C TRP A 71 -20.52 23.70 -5.27
N ILE A 72 -19.31 23.43 -4.78
CA ILE A 72 -18.13 24.09 -5.32
C ILE A 72 -17.96 23.55 -6.73
N ILE A 73 -17.89 22.23 -6.87
CA ILE A 73 -18.07 21.59 -8.17
C ILE A 73 -18.65 20.22 -8.07
N ASP A 74 -18.93 19.66 -9.25
CA ASP A 74 -19.59 18.36 -9.41
C ASP A 74 -19.01 17.22 -8.58
N PHE A 75 -17.94 16.59 -9.09
CA PHE A 75 -17.27 15.39 -8.52
C PHE A 75 -17.20 14.36 -9.63
N ALA A 76 -18.33 14.14 -10.30
CA ALA A 76 -18.35 13.27 -11.46
C ALA A 76 -17.37 13.91 -12.44
N GLU A 77 -17.56 15.22 -12.58
CA GLU A 77 -16.70 16.10 -13.34
C GLU A 77 -15.24 16.11 -12.76
N LEU A 78 -15.10 16.17 -11.43
CA LEU A 78 -13.74 16.06 -10.82
C LEU A 78 -13.07 14.73 -11.09
N LYS A 79 -13.77 13.62 -10.78
CA LYS A 79 -13.27 12.25 -11.01
C LYS A 79 -12.75 12.10 -12.44
N ALA A 80 -13.63 12.31 -13.42
CA ALA A 80 -13.26 12.12 -14.80
C ALA A 80 -12.14 13.02 -15.26
N ALA A 81 -11.86 14.10 -14.55
CA ALA A 81 -10.82 15.04 -14.98
C ALA A 81 -9.49 14.52 -14.48
N PHE A 82 -9.56 13.92 -13.30
CA PHE A 82 -8.44 13.21 -12.73
C PHE A 82 -8.13 11.88 -13.45
N LYS A 83 -9.16 11.08 -13.69
CA LYS A 83 -9.03 9.74 -14.21
C LYS A 83 -7.87 9.40 -15.15
N PRO A 84 -7.67 10.16 -16.25
CA PRO A 84 -6.53 9.75 -17.06
C PRO A 84 -5.24 9.80 -16.23
N THR A 85 -5.02 10.90 -15.48
CA THR A 85 -3.86 10.92 -14.57
C THR A 85 -3.89 9.77 -13.57
N TYR A 86 -5.08 9.39 -13.10
CA TYR A 86 -5.20 8.29 -12.16
C TYR A 86 -4.69 7.02 -12.83
N GLU A 87 -5.28 6.71 -13.96
CA GLU A 87 -5.04 5.45 -14.64
C GLU A 87 -3.56 5.20 -14.92
N ARG A 88 -2.81 6.27 -15.17
CA ARG A 88 -1.37 6.18 -15.46
C ARG A 88 -0.53 5.69 -14.27
N LEU A 89 -1.00 5.99 -13.06
CA LEU A 89 -0.38 5.54 -11.80
C LEU A 89 -0.97 4.22 -11.25
N ASP A 90 -2.25 3.96 -11.43
CA ASP A 90 -2.78 2.80 -10.73
C ASP A 90 -2.33 1.45 -11.27
N HIS A 91 -1.83 0.59 -10.39
CA HIS A 91 -1.33 -0.71 -10.81
C HIS A 91 -0.24 -0.59 -11.93
N HIS A 92 0.76 0.26 -11.64
CA HIS A 92 1.84 0.65 -12.55
C HIS A 92 3.16 0.82 -11.75
N TYR A 93 4.31 0.95 -12.44
CA TYR A 93 5.62 1.19 -11.80
C TYR A 93 5.98 2.64 -12.06
N LEU A 94 6.25 3.41 -11.03
CA LEU A 94 6.27 4.83 -11.18
C LEU A 94 7.49 5.40 -11.92
N ASN A 95 8.67 4.80 -11.74
CA ASN A 95 9.85 5.32 -12.42
C ASN A 95 9.76 5.32 -13.95
N ASP A 96 8.82 4.60 -14.51
CA ASP A 96 8.69 4.57 -15.98
C ASP A 96 7.85 5.73 -16.50
N ILE A 97 7.17 6.43 -15.61
CA ILE A 97 6.38 7.53 -16.04
C ILE A 97 7.35 8.68 -16.13
N PRO A 98 7.53 9.26 -17.33
CA PRO A 98 8.30 10.50 -17.42
C PRO A 98 7.86 11.48 -16.32
N GLY A 99 8.83 12.05 -15.58
CA GLY A 99 8.57 13.05 -14.55
C GLY A 99 8.79 12.52 -13.13
N LEU A 100 8.70 11.18 -13.04
CA LEU A 100 8.68 10.44 -11.79
C LEU A 100 9.87 9.45 -11.76
N GLU A 101 11.02 9.91 -12.25
CA GLU A 101 12.18 9.03 -12.29
C GLU A 101 12.71 8.92 -10.85
N ASN A 102 12.28 9.88 -10.02
CA ASN A 102 12.61 9.92 -8.59
C ASN A 102 11.32 10.01 -7.77
N PRO A 103 10.54 8.90 -7.73
CA PRO A 103 9.19 8.81 -7.24
C PRO A 103 9.10 8.95 -5.73
N THR A 104 9.51 10.12 -5.23
CA THR A 104 9.41 10.47 -3.84
C THR A 104 8.06 11.12 -3.59
N SER A 105 7.67 11.31 -2.33
CA SER A 105 6.31 11.81 -2.08
C SER A 105 6.27 13.23 -2.48
N GLU A 106 7.25 13.97 -1.98
CA GLU A 106 7.48 15.33 -2.39
C GLU A 106 7.46 15.51 -3.94
N VAL A 107 8.07 14.58 -4.69
CA VAL A 107 8.22 14.79 -6.13
C VAL A 107 6.94 14.42 -6.84
N LEU A 108 6.26 13.44 -6.25
CA LEU A 108 5.05 12.85 -6.79
C LEU A 108 3.86 13.80 -6.54
N ALA A 109 3.67 14.19 -5.29
CA ALA A 109 2.64 15.20 -4.98
C ALA A 109 2.70 16.34 -5.98
N LYS A 110 3.89 16.88 -6.26
CA LYS A 110 4.04 17.94 -7.24
C LYS A 110 3.67 17.45 -8.65
N TRP A 111 4.11 16.24 -8.97
CA TRP A 111 3.91 15.73 -10.31
C TRP A 111 2.42 15.74 -10.62
N ILE A 112 1.63 15.40 -9.60
CA ILE A 112 0.19 15.41 -9.74
C ILE A 112 -0.29 16.83 -9.93
N TRP A 113 -0.03 17.70 -8.95
CA TRP A 113 -0.45 19.07 -9.03
C TRP A 113 -0.31 19.45 -10.49
N ASP A 114 0.89 19.25 -11.00
CA ASP A 114 1.25 19.66 -12.37
C ASP A 114 0.39 19.12 -13.56
N GLN A 115 -0.01 17.84 -13.47
CA GLN A 115 -0.95 17.24 -14.39
C GLN A 115 -2.38 17.72 -14.22
N VAL A 116 -2.83 17.97 -12.99
CA VAL A 116 -4.25 18.21 -12.80
C VAL A 116 -4.61 19.69 -12.62
N LYS A 117 -3.74 20.46 -11.99
CA LYS A 117 -3.93 21.90 -11.98
C LYS A 117 -4.35 22.48 -13.37
N PRO A 118 -3.69 22.05 -14.47
CA PRO A 118 -4.17 22.52 -15.80
C PRO A 118 -5.63 22.16 -16.15
N VAL A 119 -6.10 20.97 -15.77
CA VAL A 119 -7.51 20.61 -16.00
C VAL A 119 -8.45 20.82 -14.81
N VAL A 120 -7.99 21.36 -13.68
CA VAL A 120 -8.88 21.58 -12.52
C VAL A 120 -8.47 22.92 -11.90
N PRO A 121 -8.90 24.06 -12.48
CA PRO A 121 -8.21 25.31 -12.07
C PRO A 121 -8.30 25.55 -10.57
N LEU A 122 -9.42 25.11 -9.97
CA LEU A 122 -9.72 25.26 -8.52
C LEU A 122 -8.82 24.46 -7.58
N LEU A 123 -8.01 23.56 -8.13
CA LEU A 123 -7.05 22.82 -7.33
C LEU A 123 -6.28 23.71 -6.37
N SER A 124 -6.49 23.38 -5.12
CA SER A 124 -6.07 24.17 -4.02
C SER A 124 -4.76 23.59 -3.44
N ALA A 125 -4.72 22.26 -3.28
CA ALA A 125 -3.56 21.54 -2.76
C ALA A 125 -3.71 20.07 -3.07
N VAL A 126 -2.57 19.38 -3.20
CA VAL A 126 -2.49 17.92 -3.40
C VAL A 126 -1.76 17.23 -2.20
N MET A 127 -2.29 16.10 -1.71
CA MET A 127 -1.66 15.32 -0.65
C MET A 127 -1.39 13.85 -1.07
N VAL A 128 -0.19 13.38 -0.73
CA VAL A 128 0.21 12.01 -1.05
C VAL A 128 0.66 11.38 0.24
N LYS A 129 0.08 10.22 0.56
CA LYS A 129 0.48 9.39 1.67
C LYS A 129 0.95 8.07 1.07
N GLU A 130 2.24 7.73 1.22
CA GLU A 130 2.66 6.38 0.84
C GLU A 130 2.43 5.27 1.89
N THR A 131 2.54 5.62 3.17
CA THR A 131 2.08 4.73 4.24
C THR A 131 0.96 5.35 5.03
N CYS A 132 0.38 4.58 5.95
CA CYS A 132 -0.70 5.06 6.83
C CYS A 132 -0.29 6.28 7.63
N THR A 133 1.02 6.32 7.89
CA THR A 133 1.64 7.07 8.96
C THR A 133 2.56 8.18 8.46
N ALA A 134 2.49 8.48 7.16
CA ALA A 134 3.53 9.32 6.53
C ALA A 134 3.07 9.95 5.20
N GLY A 135 3.03 11.28 5.18
CA GLY A 135 2.66 12.01 3.97
C GLY A 135 3.23 13.37 3.68
N CYS A 136 2.65 14.00 2.67
CA CYS A 136 3.17 15.16 1.97
C CYS A 136 2.05 16.03 1.32
N ILE A 137 2.12 17.36 1.51
CA ILE A 137 1.14 18.28 0.99
C ILE A 137 1.83 19.40 0.22
N TYR A 138 1.66 19.36 -1.10
CA TYR A 138 2.08 20.45 -1.98
C TYR A 138 0.94 21.39 -2.31
N ARG A 139 1.27 22.69 -2.42
CA ARG A 139 0.36 23.78 -2.84
C ARG A 139 0.77 24.64 -4.10
N THR B 24 -9.25 -19.00 24.17
CA THR B 24 -8.27 -17.83 24.03
C THR B 24 -7.33 -17.83 22.83
N THR B 25 -7.39 -16.75 22.06
CA THR B 25 -6.50 -16.49 20.93
C THR B 25 -5.92 -15.10 21.05
N LEU B 26 -4.66 -14.94 20.65
CA LEU B 26 -4.05 -13.62 20.47
C LEU B 26 -3.86 -13.39 19.02
N PHE B 27 -3.56 -12.16 18.67
CA PHE B 27 -3.27 -11.85 17.29
C PHE B 27 -2.43 -10.61 17.25
N LYS B 28 -1.43 -10.64 16.37
CA LYS B 28 -0.60 -9.42 16.17
C LYS B 28 -0.62 -8.99 14.69
N ASP B 29 -0.50 -7.69 14.44
CA ASP B 29 -0.60 -7.15 13.09
C ASP B 29 0.65 -6.44 12.57
N PHE B 30 1.04 -6.75 11.33
CA PHE B 30 2.14 -6.02 10.67
C PHE B 30 1.85 -5.52 9.24
N THR B 31 2.26 -4.30 8.94
CA THR B 31 2.27 -3.81 7.60
C THR B 31 3.68 -4.03 7.10
N PHE B 32 3.84 -4.38 5.81
CA PHE B 32 5.13 -4.28 5.12
C PHE B 32 4.81 -3.77 3.76
N GLU B 33 5.81 -3.17 3.10
CA GLU B 33 5.59 -2.42 1.88
C GLU B 33 6.30 -3.03 0.68
N ALA B 34 5.57 -3.60 -0.28
CA ALA B 34 6.26 -4.38 -1.35
C ALA B 34 5.68 -4.34 -2.78
N ALA B 35 6.40 -4.94 -3.73
CA ALA B 35 5.93 -5.07 -5.10
C ALA B 35 5.76 -6.53 -5.55
N HIS B 36 4.82 -6.70 -6.49
CA HIS B 36 4.51 -8.00 -7.07
C HIS B 36 3.73 -7.83 -8.36
N ARG B 37 3.81 -8.81 -9.24
CA ARG B 37 2.90 -8.90 -10.36
C ARG B 37 2.45 -10.37 -10.43
N LEU B 38 1.28 -10.58 -11.03
CA LEU B 38 0.75 -11.90 -11.12
C LEU B 38 1.03 -12.37 -12.53
N PRO B 39 1.69 -13.55 -12.66
CA PRO B 39 2.20 -13.99 -13.98
C PRO B 39 1.12 -14.63 -14.84
N HIS B 40 0.18 -15.31 -14.18
CA HIS B 40 -0.78 -16.19 -14.86
C HIS B 40 -2.13 -15.48 -15.05
N VAL B 41 -2.12 -14.25 -15.51
CA VAL B 41 -3.36 -13.50 -15.60
C VAL B 41 -3.61 -13.00 -17.04
N PRO B 42 -4.88 -12.89 -17.46
CA PRO B 42 -5.21 -12.65 -18.88
C PRO B 42 -4.54 -11.43 -19.51
N GLU B 43 -4.30 -11.54 -20.82
CA GLU B 43 -3.97 -10.41 -21.71
C GLU B 43 -3.17 -9.24 -21.11
N GLY B 44 -3.89 -8.15 -20.82
CA GLY B 44 -3.27 -6.94 -20.29
C GLY B 44 -4.07 -6.52 -19.08
N HIS B 45 -4.54 -7.54 -18.35
CA HIS B 45 -5.25 -7.37 -17.10
C HIS B 45 -4.33 -6.63 -16.14
N LYS B 46 -4.91 -5.81 -15.28
CA LYS B 46 -4.10 -4.80 -14.61
C LYS B 46 -3.29 -5.33 -13.44
N CYS B 47 -3.63 -6.52 -12.97
CA CYS B 47 -2.86 -7.11 -11.90
C CYS B 47 -1.60 -7.74 -12.47
N GLY B 48 -1.55 -7.91 -13.80
CA GLY B 48 -0.38 -8.49 -14.50
C GLY B 48 0.75 -7.51 -14.76
N ARG B 49 0.44 -6.21 -14.79
CA ARG B 49 1.44 -5.11 -14.77
C ARG B 49 2.09 -5.05 -13.40
N LEU B 50 3.40 -4.93 -13.38
CA LEU B 50 4.16 -4.85 -12.13
C LEU B 50 3.64 -3.69 -11.34
N HIS B 51 2.99 -4.00 -10.21
CA HIS B 51 2.45 -2.95 -9.28
C HIS B 51 2.96 -3.26 -7.88
N GLY B 52 2.36 -2.67 -6.85
CA GLY B 52 2.73 -2.97 -5.47
C GLY B 52 1.58 -2.73 -4.55
N HIS B 53 1.70 -3.13 -3.29
CA HIS B 53 0.70 -2.71 -2.30
C HIS B 53 1.39 -2.48 -0.93
N SER B 54 0.63 -1.86 0.00
CA SER B 54 0.89 -1.83 1.46
C SER B 54 0.08 -2.96 2.02
N PHE B 55 0.76 -3.95 2.56
CA PHE B 55 0.18 -5.23 2.96
C PHE B 55 0.03 -5.29 4.45
N MET B 56 -0.95 -6.02 4.92
CA MET B 56 -1.11 -6.18 6.33
C MET B 56 -1.05 -7.69 6.58
N VAL B 57 -0.30 -8.14 7.60
CA VAL B 57 -0.21 -9.54 7.93
C VAL B 57 -0.62 -9.66 9.35
N ARG B 58 -1.42 -10.67 9.66
CA ARG B 58 -1.89 -10.84 11.01
C ARG B 58 -1.57 -12.28 11.36
N LEU B 59 -0.71 -12.48 12.36
CA LEU B 59 -0.49 -13.82 12.86
C LEU B 59 -1.40 -13.85 14.00
N GLU B 60 -2.00 -15.01 14.20
CA GLU B 60 -2.86 -15.18 15.33
C GLU B 60 -2.58 -16.55 15.81
N ILE B 61 -2.63 -16.71 17.14
CA ILE B 61 -2.16 -17.95 17.80
C ILE B 61 -3.06 -18.34 18.94
N THR B 62 -3.15 -19.66 19.17
CA THR B 62 -4.06 -20.22 20.17
C THR B 62 -3.36 -21.21 21.10
N GLY B 63 -3.50 -20.94 22.39
CA GLY B 63 -2.89 -21.71 23.44
C GLY B 63 -3.50 -21.29 24.78
N GLU B 64 -2.97 -21.84 25.86
CA GLU B 64 -3.46 -21.49 27.19
C GLU B 64 -2.53 -20.45 27.79
N VAL B 65 -3.10 -19.57 28.62
CA VAL B 65 -2.29 -18.51 29.26
C VAL B 65 -1.46 -19.16 30.38
N ASP B 66 -0.23 -18.68 30.60
CA ASP B 66 0.58 -19.15 31.74
C ASP B 66 -0.16 -18.70 33.04
N PRO B 67 -0.46 -19.66 33.94
CA PRO B 67 -1.23 -19.24 35.14
C PRO B 67 -0.52 -18.11 35.92
N HIS B 68 0.76 -17.89 35.63
CA HIS B 68 1.54 -16.86 36.32
C HIS B 68 1.84 -15.61 35.45
N THR B 69 2.33 -15.76 34.22
CA THR B 69 2.60 -14.56 33.43
C THR B 69 1.33 -13.86 32.97
N GLY B 70 0.26 -14.61 32.79
CA GLY B 70 -0.97 -14.02 32.25
C GLY B 70 -0.92 -13.94 30.73
N TRP B 71 0.12 -14.55 30.16
CA TRP B 71 0.42 -14.50 28.73
C TRP B 71 0.41 -15.88 28.06
N ILE B 72 -0.05 -15.93 26.81
CA ILE B 72 0.21 -17.11 25.98
C ILE B 72 1.64 -17.04 25.45
N ILE B 73 2.09 -15.84 25.10
CA ILE B 73 3.42 -15.56 24.50
C ILE B 73 3.71 -14.09 24.82
N ASP B 74 4.91 -13.57 24.52
CA ASP B 74 5.16 -12.12 24.77
C ASP B 74 4.35 -11.16 23.92
N PHE B 75 4.67 -11.24 22.62
CA PHE B 75 4.34 -10.28 21.55
C PHE B 75 5.70 -9.77 21.13
N ALA B 76 6.69 -10.03 21.98
CA ALA B 76 8.07 -9.66 21.67
C ALA B 76 8.84 -10.93 21.35
N GLU B 77 8.36 -12.07 21.85
CA GLU B 77 8.84 -13.41 21.47
C GLU B 77 8.43 -13.65 20.04
N LEU B 78 7.20 -13.23 19.77
CA LEU B 78 6.59 -13.29 18.46
C LEU B 78 7.41 -12.51 17.44
N LYS B 79 7.44 -11.18 17.62
CA LYS B 79 8.19 -10.26 16.80
C LYS B 79 9.50 -10.90 16.40
N ALA B 80 10.35 -11.26 17.36
CA ALA B 80 11.65 -11.86 17.03
C ALA B 80 11.57 -13.08 16.12
N ALA B 81 10.58 -13.96 16.35
CA ALA B 81 10.46 -15.21 15.59
C ALA B 81 10.01 -15.00 14.13
N PHE B 82 9.23 -13.94 13.94
CA PHE B 82 8.86 -13.48 12.63
C PHE B 82 9.98 -12.71 11.90
N LYS B 83 10.65 -11.83 12.66
CA LYS B 83 11.53 -10.82 12.07
C LYS B 83 12.28 -11.29 10.81
N PRO B 84 12.97 -12.46 10.84
CA PRO B 84 13.57 -12.96 9.60
C PRO B 84 12.61 -12.91 8.36
N THR B 85 11.55 -13.69 8.37
CA THR B 85 10.57 -13.63 7.28
C THR B 85 10.12 -12.18 7.05
N TYR B 86 9.91 -11.43 8.10
CA TYR B 86 9.40 -10.11 7.86
C TYR B 86 10.33 -9.25 6.99
N GLU B 87 11.62 -9.17 7.33
CA GLU B 87 12.53 -8.35 6.51
C GLU B 87 12.83 -8.93 5.10
N ARG B 88 12.49 -10.20 4.89
CA ARG B 88 12.54 -10.78 3.56
C ARG B 88 11.48 -10.15 2.69
N LEU B 89 10.35 -9.73 3.27
CA LEU B 89 9.22 -9.19 2.45
C LEU B 89 9.15 -7.68 2.42
N ASP B 90 9.49 -7.05 3.52
CA ASP B 90 9.32 -5.62 3.60
C ASP B 90 10.25 -4.91 2.65
N HIS B 91 9.74 -3.96 1.90
CA HIS B 91 10.55 -3.24 0.95
C HIS B 91 11.28 -4.16 -0.05
N HIS B 92 10.60 -5.20 -0.52
CA HIS B 92 11.22 -6.11 -1.48
C HIS B 92 10.29 -6.32 -2.71
N TYR B 93 10.73 -7.04 -3.73
CA TYR B 93 9.81 -7.49 -4.80
C TYR B 93 9.47 -9.00 -4.64
N LEU B 94 8.21 -9.38 -4.72
CA LEU B 94 7.87 -10.67 -4.13
C LEU B 94 8.17 -11.81 -5.07
N ASN B 95 8.06 -11.56 -6.36
CA ASN B 95 8.22 -12.63 -7.31
C ASN B 95 9.62 -13.22 -7.26
N ASP B 96 10.58 -12.42 -6.81
CA ASP B 96 11.95 -12.87 -6.63
C ASP B 96 12.08 -13.97 -5.55
N ILE B 97 11.12 -14.07 -4.64
CA ILE B 97 11.27 -14.94 -3.46
C ILE B 97 10.84 -16.39 -3.67
N PRO B 98 11.81 -17.35 -3.70
CA PRO B 98 11.44 -18.77 -4.00
C PRO B 98 10.15 -19.19 -3.24
N GLY B 99 9.21 -19.72 -4.01
CA GLY B 99 7.89 -20.07 -3.50
C GLY B 99 6.85 -18.98 -3.71
N LEU B 100 7.29 -17.81 -4.21
CA LEU B 100 6.39 -16.65 -4.47
C LEU B 100 6.27 -16.19 -5.96
N GLU B 101 6.86 -16.96 -6.88
CA GLU B 101 6.42 -16.89 -8.26
C GLU B 101 4.89 -17.01 -8.08
N ASN B 102 4.12 -16.15 -8.72
CA ASN B 102 2.67 -16.14 -8.41
C ASN B 102 2.21 -15.71 -6.99
N PRO B 103 2.53 -14.47 -6.60
CA PRO B 103 2.20 -14.02 -5.27
C PRO B 103 0.72 -13.50 -5.05
N THR B 104 -0.30 -14.33 -5.22
CA THR B 104 -1.61 -13.87 -4.83
C THR B 104 -1.66 -13.76 -3.29
N SER B 105 -2.73 -13.17 -2.77
CA SER B 105 -2.98 -13.22 -1.36
C SER B 105 -3.02 -14.68 -0.90
N GLU B 106 -3.61 -15.56 -1.69
CA GLU B 106 -3.79 -16.91 -1.23
C GLU B 106 -2.45 -17.65 -1.15
N VAL B 107 -1.68 -17.60 -2.24
CA VAL B 107 -0.33 -18.20 -2.29
C VAL B 107 0.45 -17.71 -1.06
N LEU B 108 0.26 -16.42 -0.80
CA LEU B 108 1.19 -15.62 -0.05
C LEU B 108 0.98 -15.82 1.40
N ALA B 109 -0.29 -15.87 1.81
CA ALA B 109 -0.65 -16.16 3.19
C ALA B 109 -0.19 -17.59 3.51
N LYS B 110 -0.43 -18.54 2.59
CA LYS B 110 -0.01 -19.90 2.80
C LYS B 110 1.50 -19.91 2.95
N TRP B 111 2.21 -19.24 2.03
CA TRP B 111 3.66 -19.28 2.04
C TRP B 111 4.18 -18.84 3.42
N ILE B 112 3.66 -17.71 3.89
CA ILE B 112 3.97 -17.19 5.22
C ILE B 112 3.71 -18.22 6.31
N TRP B 113 2.61 -18.94 6.19
CA TRP B 113 2.25 -19.92 7.21
C TRP B 113 3.37 -20.99 7.27
N ASP B 114 3.86 -21.40 6.11
CA ASP B 114 4.88 -22.46 6.01
C ASP B 114 6.23 -22.09 6.65
N GLN B 115 6.55 -20.81 6.59
CA GLN B 115 7.72 -20.24 7.22
C GLN B 115 7.56 -20.11 8.71
N VAL B 116 6.39 -19.72 9.17
CA VAL B 116 6.26 -19.42 10.58
C VAL B 116 5.82 -20.63 11.44
N LYS B 117 4.94 -21.48 10.90
CA LYS B 117 4.46 -22.59 11.71
C LYS B 117 5.60 -23.37 12.35
N PRO B 118 6.72 -23.56 11.63
CA PRO B 118 7.87 -24.19 12.29
C PRO B 118 8.37 -23.41 13.50
N VAL B 119 8.57 -22.08 13.36
CA VAL B 119 9.14 -21.27 14.46
C VAL B 119 8.14 -20.81 15.53
N VAL B 120 6.84 -21.03 15.30
CA VAL B 120 5.76 -20.54 16.23
C VAL B 120 4.66 -21.60 16.28
N PRO B 121 4.91 -22.73 16.98
CA PRO B 121 3.98 -23.87 16.81
C PRO B 121 2.52 -23.56 17.21
N LEU B 122 2.31 -22.56 18.08
CA LEU B 122 0.98 -22.23 18.57
C LEU B 122 0.12 -21.52 17.54
N LEU B 123 0.77 -21.07 16.47
CA LEU B 123 0.17 -20.26 15.42
C LEU B 123 -0.98 -20.97 14.78
N SER B 124 -2.11 -20.28 14.62
CA SER B 124 -3.35 -20.94 14.17
C SER B 124 -4.01 -20.40 12.88
N ALA B 125 -3.85 -19.09 12.61
CA ALA B 125 -4.22 -18.45 11.33
C ALA B 125 -3.13 -17.52 10.86
N VAL B 126 -3.15 -17.23 9.54
CA VAL B 126 -2.39 -16.11 8.94
C VAL B 126 -3.29 -15.29 8.01
N MET B 127 -3.43 -14.00 8.26
CA MET B 127 -4.29 -13.21 7.42
C MET B 127 -3.48 -12.17 6.67
N VAL B 128 -3.75 -12.04 5.37
CA VAL B 128 -3.03 -11.10 4.54
C VAL B 128 -4.07 -10.21 3.87
N LYS B 129 -3.78 -8.91 3.78
CA LYS B 129 -4.60 -7.95 3.07
C LYS B 129 -3.77 -7.11 2.06
N GLU B 130 -4.07 -7.20 0.76
CA GLU B 130 -3.44 -6.33 -0.25
C GLU B 130 -3.82 -4.83 -0.10
N THR B 131 -5.12 -4.62 -0.10
CA THR B 131 -5.66 -3.29 -0.08
C THR B 131 -6.39 -3.21 1.23
N CYS B 132 -7.06 -2.08 1.44
CA CYS B 132 -7.81 -1.92 2.66
C CYS B 132 -9.05 -2.84 2.71
N THR B 133 -9.65 -3.09 1.54
CA THR B 133 -10.98 -3.73 1.42
C THR B 133 -11.04 -5.23 1.00
N ALA B 134 -9.95 -5.78 0.49
CA ALA B 134 -9.85 -7.19 0.18
C ALA B 134 -8.92 -7.83 1.21
N GLY B 135 -8.85 -9.17 1.20
CA GLY B 135 -8.06 -9.91 2.17
C GLY B 135 -8.28 -11.42 2.15
N CYS B 136 -7.41 -12.12 2.85
CA CYS B 136 -7.43 -13.57 2.85
C CYS B 136 -6.92 -14.22 4.14
N ILE B 137 -7.66 -15.22 4.64
CA ILE B 137 -7.24 -15.99 5.83
C ILE B 137 -6.85 -17.40 5.45
N TYR B 138 -5.64 -17.78 5.84
CA TYR B 138 -5.21 -19.15 5.71
C TYR B 138 -5.17 -19.78 7.08
N ARG B 139 -6.22 -20.57 7.34
CA ARG B 139 -6.38 -21.24 8.62
C ARG B 139 -5.75 -22.61 8.53
N GLY B 140 -5.01 -22.97 9.57
CA GLY B 140 -4.60 -24.34 9.80
C GLY B 140 -3.72 -24.95 8.72
ZN ZN C . 8.71 3.65 -0.85
ZN ZN D . -1.78 -7.03 -6.60
#